data_2J7T
#
_entry.id   2J7T
#
_cell.length_a   49.192
_cell.length_b   112.960
_cell.length_c   133.817
_cell.angle_alpha   90.00
_cell.angle_beta   90.00
_cell.angle_gamma   90.00
#
_symmetry.space_group_name_H-M   'I 2 2 2'
#
loop_
_entity.id
_entity.type
_entity.pdbx_description
1 polymer 'SERINE/THREONINE-PROTEIN KINASE 10'
2 non-polymer 'CALCIUM ION'
3 non-polymer 'ACETATE ION'
4 non-polymer (3Z)-N-(3-CHLOROPHENYL)-3-({3,5-DIMETHYL-4-[(4-METHYLPIPERAZIN-1-YL)CARBONYL]-1H-PYRROL-2-YL}METHYLENE)-N-METHYL-2-OXOINDOLINE-5-SULFONAMIDE
5 water water
#
_entity_poly.entity_id   1
_entity_poly.type   'polypeptide(L)'
_entity_poly.pdbx_seq_one_letter_code
;SMRKSREYEHVRRDLDPNEVWEIVGELGDGAFGKVYKAKNKETGALAAAKVIETKSEEELEDYIVEIEILATCDHPYIVK
LLGAYYHDGKLWIMIEFCPGGAVDAIMLELDRGLTEPQIQVVCRQMLEALNFLHSKRIIHRDLKAGNVLMTLEGDIRLAD
FGVSAKNLKTLQKRDSFIGTPYWMAPEVVMCETMKDTPYDYKADIWSLGITLIEMAQIEPPHHELNPMRVLLKIAKSDPP
TLLTPSKWSVEFRDFLKIALDKNPETRPSAAQLLEHPFVSSITSNKALRELVAEAKAEVMEE
;
_entity_poly.pdbx_strand_id   A
#
loop_
_chem_comp.id
_chem_comp.type
_chem_comp.name
_chem_comp.formula
274 non-polymer (3Z)-N-(3-CHLOROPHENYL)-3-({3,5-DIMETHYL-4-[(4-METHYLPIPERAZIN-1-YL)CARBONYL]-1H-PYRROL-2-YL}METHYLENE)-N-METHYL-2-OXOINDOLINE-5-SULFONAMIDE 'C28 H30 Cl N5 O4 S'
ACT non-polymer 'ACETATE ION' 'C2 H3 O2 -1'
CA non-polymer 'CALCIUM ION' 'Ca 2'
#
# COMPACT_ATOMS: atom_id res chain seq x y z
N HIS A 10 -9.26 21.04 -2.07
CA HIS A 10 -7.88 20.51 -2.33
C HIS A 10 -7.54 20.45 -3.83
N VAL A 11 -8.56 20.47 -4.68
CA VAL A 11 -8.34 20.63 -6.12
C VAL A 11 -8.29 22.11 -6.48
N ARG A 12 -7.09 22.62 -6.79
CA ARG A 12 -6.91 24.04 -7.13
C ARG A 12 -7.46 24.36 -8.53
N ARG A 13 -8.40 25.30 -8.58
CA ARG A 13 -9.00 25.77 -9.81
C ARG A 13 -8.34 27.06 -10.32
N ASP A 14 -7.89 27.89 -9.38
CA ASP A 14 -7.44 29.25 -9.69
C ASP A 14 -6.05 29.29 -10.32
N LEU A 15 -5.20 28.32 -9.98
CA LEU A 15 -3.83 28.24 -10.49
C LEU A 15 -3.70 27.30 -11.70
N ASP A 16 -2.90 27.72 -12.68
CA ASP A 16 -2.60 26.89 -13.84
C ASP A 16 -1.38 26.04 -13.48
N PRO A 17 -1.51 24.69 -13.60
CA PRO A 17 -0.49 23.75 -13.10
C PRO A 17 0.80 23.72 -13.94
N ASN A 18 0.67 23.89 -15.25
CA ASN A 18 1.83 23.81 -16.15
C ASN A 18 2.79 25.02 -16.06
N GLU A 19 2.48 25.97 -15.18
CA GLU A 19 3.42 27.02 -14.79
C GLU A 19 4.24 26.64 -13.57
N VAL A 20 3.82 25.60 -12.84
CA VAL A 20 4.51 25.14 -11.63
C VAL A 20 5.28 23.83 -11.86
N TRP A 21 4.71 22.93 -12.66
CA TRP A 21 5.30 21.64 -12.95
C TRP A 21 5.61 21.44 -14.43
N GLU A 22 6.63 20.62 -14.71
CA GLU A 22 6.95 20.17 -16.05
C GLU A 22 7.00 18.65 -16.08
N ILE A 23 6.32 18.04 -17.05
CA ILE A 23 6.36 16.59 -17.23
C ILE A 23 7.62 16.18 -17.98
N VAL A 24 8.56 15.58 -17.25
CA VAL A 24 9.90 15.30 -17.77
C VAL A 24 10.17 13.82 -18.06
N GLY A 25 9.19 12.96 -17.82
CA GLY A 25 9.37 11.53 -18.07
C GLY A 25 8.14 10.69 -17.77
N GLU A 26 8.21 9.40 -18.09
CA GLU A 26 7.16 8.44 -17.76
C GLU A 26 7.69 7.43 -16.75
N LEU A 27 6.91 7.19 -15.69
CA LEU A 27 7.27 6.19 -14.68
C LEU A 27 6.60 4.85 -14.95
N GLY A 28 5.36 4.89 -15.45
CA GLY A 28 4.64 3.66 -15.76
C GLY A 28 3.46 3.86 -16.69
N ASP A 29 2.80 2.76 -17.00
CA ASP A 29 1.59 2.75 -17.83
C ASP A 29 0.79 1.51 -17.45
N GLY A 30 -0.49 1.46 -17.83
CA GLY A 30 -1.33 0.31 -17.51
C GLY A 30 -2.82 0.54 -17.65
N ALA A 31 -3.60 -0.20 -16.87
CA ALA A 31 -5.07 -0.15 -16.95
C ALA A 31 -5.62 1.16 -16.40
N PHE A 32 -4.87 1.82 -15.53
CA PHE A 32 -5.29 3.13 -14.96
C PHE A 32 -4.51 4.31 -15.58
N GLY A 33 -4.02 4.12 -16.80
CA GLY A 33 -3.34 5.19 -17.53
C GLY A 33 -1.86 5.33 -17.21
N LYS A 34 -1.27 6.40 -17.74
CA LYS A 34 0.15 6.67 -17.59
C LYS A 34 0.42 7.38 -16.27
N VAL A 35 1.53 7.01 -15.64
CA VAL A 35 2.09 7.75 -14.52
C VAL A 35 3.34 8.46 -15.03
N TYR A 36 3.38 9.79 -14.88
CA TYR A 36 4.52 10.58 -15.36
C TYR A 36 5.48 10.90 -14.21
N LYS A 37 6.73 11.21 -14.58
CA LYS A 37 7.67 11.84 -13.65
C LYS A 37 7.63 13.34 -13.96
N ALA A 38 7.46 14.15 -12.92
CA ALA A 38 7.34 15.59 -13.08
C ALA A 38 8.40 16.30 -12.25
N LYS A 39 8.85 17.46 -12.72
CA LYS A 39 9.85 18.26 -12.01
C LYS A 39 9.31 19.66 -11.75
N ASN A 40 9.44 20.13 -10.51
CA ASN A 40 9.02 21.48 -10.16
C ASN A 40 9.99 22.47 -10.77
N LYS A 41 9.46 23.33 -11.65
CA LYS A 41 10.27 24.32 -12.36
C LYS A 41 10.79 25.45 -11.46
N GLU A 42 10.23 25.56 -10.25
CA GLU A 42 10.66 26.56 -9.28
C GLU A 42 11.70 26.00 -8.30
N THR A 43 11.38 24.85 -7.71
CA THR A 43 12.14 24.25 -6.60
C THR A 43 13.00 23.06 -7.02
N GLY A 44 12.65 22.41 -8.13
CA GLY A 44 13.40 21.25 -8.61
C GLY A 44 12.95 19.92 -7.99
N ALA A 45 11.93 19.98 -7.15
CA ALA A 45 11.37 18.77 -6.53
C ALA A 45 10.76 17.88 -7.60
N LEU A 46 10.86 16.56 -7.43
CA LEU A 46 10.29 15.61 -8.37
C LEU A 46 8.99 15.03 -7.83
N ALA A 47 8.06 14.77 -8.73
CA ALA A 47 6.79 14.13 -8.37
C ALA A 47 6.45 12.99 -9.31
N ALA A 48 5.66 12.04 -8.80
CA ALA A 48 4.91 11.13 -9.65
C ALA A 48 3.65 11.89 -10.01
N ALA A 49 3.24 11.82 -11.26
CA ALA A 49 2.13 12.62 -11.75
C ALA A 49 1.15 11.80 -12.55
N LYS A 50 -0.14 12.06 -12.31
CA LYS A 50 -1.20 11.68 -13.25
C LYS A 50 -1.88 12.95 -13.77
N VAL A 51 -1.94 13.09 -15.09
CA VAL A 51 -2.72 14.15 -15.75
C VAL A 51 -3.89 13.47 -16.47
N ILE A 52 -5.08 13.65 -15.93
CA ILE A 52 -6.24 12.83 -16.32
C ILE A 52 -7.27 13.66 -17.09
N GLU A 53 -7.54 13.25 -18.33
CA GLU A 53 -8.47 13.99 -19.19
C GLU A 53 -9.89 13.49 -19.04
N GLU A 58 -17.53 10.92 -15.99
CA GLU A 58 -17.72 11.38 -14.62
C GLU A 58 -17.14 10.40 -13.60
N GLU A 59 -16.02 9.78 -13.96
CA GLU A 59 -15.23 8.94 -13.03
C GLU A 59 -14.04 9.74 -12.49
N LEU A 60 -14.12 11.06 -12.60
CA LEU A 60 -13.16 11.96 -11.96
C LEU A 60 -13.49 12.09 -10.46
N GLU A 61 -14.71 11.71 -10.09
CA GLU A 61 -15.13 11.65 -8.67
C GLU A 61 -14.38 10.57 -7.89
N ASP A 62 -13.94 9.53 -8.57
CA ASP A 62 -13.05 8.54 -7.96
C ASP A 62 -11.72 9.21 -7.62
N TYR A 63 -11.19 9.98 -8.57
CA TYR A 63 -9.93 10.68 -8.36
C TYR A 63 -10.08 11.80 -7.33
N ILE A 64 -11.23 12.45 -7.29
CA ILE A 64 -11.52 13.49 -6.29
C ILE A 64 -11.47 12.92 -4.86
N VAL A 65 -12.12 11.77 -4.66
CA VAL A 65 -12.10 11.09 -3.36
C VAL A 65 -10.68 10.62 -3.00
N GLU A 66 -9.94 10.18 -4.01
CA GLU A 66 -8.55 9.80 -3.83
C GLU A 66 -7.70 10.99 -3.36
N ILE A 67 -7.91 12.15 -3.98
CA ILE A 67 -7.16 13.35 -3.58
C ILE A 67 -7.45 13.72 -2.12
N GLU A 68 -8.70 13.58 -1.72
CA GLU A 68 -9.15 13.90 -0.37
C GLU A 68 -8.53 12.96 0.65
N ILE A 69 -8.47 11.68 0.31
CA ILE A 69 -7.77 10.71 1.15
C ILE A 69 -6.29 11.09 1.27
N LEU A 70 -5.65 11.33 0.13
CA LEU A 70 -4.23 11.67 0.09
C LEU A 70 -3.94 12.90 0.94
N ALA A 71 -4.74 13.94 0.77
CA ALA A 71 -4.62 15.18 1.55
C ALA A 71 -4.80 14.96 3.05
N THR A 72 -5.63 13.99 3.42
CA THR A 72 -5.84 13.62 4.81
C THR A 72 -4.67 12.78 5.34
N CYS A 73 -3.99 12.06 4.45
CA CYS A 73 -2.94 11.12 4.81
C CYS A 73 -1.57 11.76 4.78
N ASP A 74 -1.38 12.75 5.65
CA ASP A 74 -0.10 13.38 5.88
C ASP A 74 0.59 12.60 7.02
N HIS A 75 1.56 11.76 6.66
CA HIS A 75 2.24 10.86 7.60
C HIS A 75 3.58 10.49 6.94
N PRO A 76 4.63 10.28 7.77
CA PRO A 76 5.96 9.94 7.23
C PRO A 76 6.03 8.73 6.31
N TYR A 77 5.20 7.70 6.55
CA TYR A 77 5.23 6.45 5.77
C TYR A 77 4.08 6.24 4.79
N ILE A 78 3.44 7.36 4.42
CA ILE A 78 2.41 7.38 3.39
C ILE A 78 2.81 8.43 2.34
N VAL A 79 2.60 8.12 1.07
CA VAL A 79 2.92 9.10 0.01
C VAL A 79 2.28 10.47 0.27
N LYS A 80 3.08 11.55 0.08
CA LYS A 80 2.65 12.94 0.32
C LYS A 80 2.12 13.62 -0.94
N LEU A 81 0.87 14.06 -0.90
CA LEU A 81 0.26 14.83 -1.97
C LEU A 81 0.92 16.19 -2.06
N LEU A 82 1.48 16.52 -3.23
CA LEU A 82 2.18 17.81 -3.44
C LEU A 82 1.28 18.86 -4.06
N GLY A 83 0.20 18.44 -4.70
CA GLY A 83 -0.67 19.34 -5.43
C GLY A 83 -1.68 18.60 -6.26
N ALA A 84 -2.89 19.17 -6.32
CA ALA A 84 -3.96 18.67 -7.17
C ALA A 84 -4.60 19.88 -7.83
N TYR A 85 -4.86 19.78 -9.14
CA TYR A 85 -5.46 20.88 -9.90
C TYR A 85 -6.53 20.37 -10.86
N TYR A 86 -7.54 21.19 -11.12
CA TYR A 86 -8.40 21.00 -12.29
C TYR A 86 -8.24 22.22 -13.19
N HIS A 87 -7.59 22.04 -14.34
CA HIS A 87 -7.27 23.17 -15.23
C HIS A 87 -7.38 22.78 -16.71
N ASP A 88 -8.07 23.63 -17.49
CA ASP A 88 -8.30 23.40 -18.91
C ASP A 88 -8.78 21.98 -19.21
N GLY A 89 -9.84 21.58 -18.50
CA GLY A 89 -10.43 20.26 -18.67
N LYS A 90 -8.22 18.71 -17.93
CA LYS A 90 -7.28 17.78 -17.30
C LYS A 90 -7.24 17.91 -15.78
N LEU A 91 -7.28 16.78 -15.09
CA LEU A 91 -7.06 16.72 -13.64
C LEU A 91 -5.61 16.34 -13.36
N TRP A 92 -4.85 17.25 -12.75
CA TRP A 92 -3.47 17.00 -12.37
C TRP A 92 -3.39 16.56 -10.93
N ILE A 93 -2.61 15.51 -10.68
CA ILE A 93 -2.40 15.03 -9.32
C ILE A 93 -0.92 14.71 -9.13
N MET A 94 -0.23 15.59 -8.40
CA MET A 94 1.19 15.46 -8.16
C MET A 94 1.40 14.84 -6.78
N ILE A 95 2.20 13.78 -6.72
CA ILE A 95 2.51 13.09 -5.45
C ILE A 95 4.03 12.94 -5.33
N GLU A 96 4.54 12.85 -4.09
CA GLU A 96 5.99 12.83 -3.86
C GLU A 96 6.68 11.69 -4.61
N PHE A 97 7.78 11.98 -5.29
CA PHE A 97 8.58 10.97 -5.96
C PHE A 97 9.37 10.14 -4.93
N CYS A 98 9.40 8.82 -5.13
CA CYS A 98 10.11 7.88 -4.25
C CYS A 98 11.22 7.20 -5.03
N PRO A 99 12.45 7.74 -4.96
CA PRO A 99 13.49 7.28 -5.90
C PRO A 99 13.94 5.83 -5.71
N GLY A 100 13.66 5.26 -4.56
CA GLY A 100 13.99 3.87 -4.29
C GLY A 100 13.13 2.90 -5.06
N GLY A 101 11.95 3.34 -5.49
CA GLY A 101 11.03 2.49 -6.24
C GLY A 101 10.18 1.53 -5.39
N ALA A 102 9.38 0.70 -6.07
CA ALA A 102 8.52 -0.28 -5.41
C ALA A 102 9.32 -1.47 -4.94
N VAL A 103 8.95 -2.03 -3.79
CA VAL A 103 9.69 -3.16 -3.24
C VAL A 103 9.66 -4.40 -4.17
N ASP A 104 8.58 -4.61 -4.91
CA ASP A 104 8.55 -5.73 -5.84
C ASP A 104 9.53 -5.52 -7.02
N ALA A 105 9.68 -4.29 -7.50
CA ALA A 105 10.74 -3.98 -8.49
C ALA A 105 12.15 -4.21 -7.93
N ILE A 106 12.36 -3.85 -6.66
CA ILE A 106 13.62 -4.10 -6.00
C ILE A 106 13.95 -5.60 -5.97
N MET A 107 12.98 -6.42 -5.58
CA MET A 107 13.21 -7.88 -5.53
C MET A 107 13.52 -8.46 -6.89
N LEU A 108 12.83 -8.00 -7.91
CA LEU A 108 13.08 -8.40 -9.29
C LEU A 108 14.45 -7.93 -9.74
N GLU A 109 14.83 -6.70 -9.38
CA GLU A 109 16.12 -6.17 -9.79
C GLU A 109 17.26 -6.94 -9.12
N LEU A 110 17.13 -7.22 -7.83
CA LEU A 110 18.13 -8.00 -7.11
C LEU A 110 18.02 -9.52 -7.29
N ASP A 111 16.92 -9.98 -7.89
CA ASP A 111 16.64 -11.39 -8.11
C ASP A 111 16.62 -12.17 -6.77
N ARG A 112 16.07 -11.54 -5.74
CA ARG A 112 15.92 -12.21 -4.45
C ARG A 112 14.91 -11.53 -3.56
N GLY A 113 14.50 -12.25 -2.53
CA GLY A 113 13.61 -11.71 -1.53
C GLY A 113 14.35 -10.87 -0.53
N LEU A 114 13.62 -10.24 0.36
CA LEU A 114 14.21 -9.44 1.42
C LEU A 114 14.74 -10.36 2.53
N THR A 115 15.73 -9.87 3.26
CA THR A 115 16.21 -10.55 4.47
C THR A 115 15.22 -10.30 5.59
N GLU A 116 15.26 -11.11 6.65
CA GLU A 116 14.35 -10.86 7.77
C GLU A 116 14.53 -9.47 8.40
N PRO A 117 15.77 -9.01 8.65
CA PRO A 117 15.94 -7.62 9.15
C PRO A 117 15.28 -6.53 8.29
N GLN A 118 15.35 -6.69 6.97
CA GLN A 118 14.67 -5.80 6.01
C GLN A 118 13.15 -5.86 6.12
N ILE A 119 12.62 -7.09 6.19
CA ILE A 119 11.20 -7.34 6.37
C ILE A 119 10.71 -6.75 7.71
N GLN A 120 11.50 -6.88 8.77
CA GLN A 120 11.15 -6.30 10.07
C GLN A 120 10.92 -4.78 10.03
N VAL A 121 11.79 -4.08 9.30
CA VAL A 121 11.67 -2.62 9.12
C VAL A 121 10.43 -2.25 8.31
N VAL A 122 10.20 -2.95 7.20
CA VAL A 122 9.04 -2.71 6.37
C VAL A 122 7.80 -2.97 7.25
N CYS A 123 7.81 -4.05 8.02
CA CYS A 123 6.64 -4.41 8.82
C CYS A 123 6.33 -3.37 9.89
N ARG A 124 7.36 -2.91 10.59
CA ARG A 124 7.24 -1.90 11.64
C ARG A 124 6.67 -0.61 11.06
N GLN A 125 7.23 -0.17 9.96
CA GLN A 125 6.80 1.08 9.34
C GLN A 125 5.39 0.96 8.72
N MET A 126 5.11 -0.18 8.07
CA MET A 126 3.76 -0.45 7.56
C MET A 126 2.70 -0.43 8.67
N LEU A 127 3.01 -1.05 9.80
CA LEU A 127 2.12 -1.04 10.96
C LEU A 127 1.89 0.38 11.49
N GLU A 128 2.92 1.22 11.53
CA GLU A 128 2.75 2.62 11.94
C GLU A 128 1.79 3.36 10.99
N ALA A 129 2.00 3.18 9.70
CA ALA A 129 1.13 3.74 8.65
C ALA A 129 -0.33 3.25 8.77
N LEU A 130 -0.51 1.96 8.95
CA LEU A 130 -1.85 1.38 9.04
C LEU A 130 -2.54 1.81 10.34
N ASN A 131 -1.80 1.89 11.44
CA ASN A 131 -2.36 2.41 12.67
C ASN A 131 -2.89 3.83 12.47
N PHE A 132 -2.11 4.67 11.76
CA PHE A 132 -2.55 6.03 11.40
C PHE A 132 -3.81 6.01 10.51
N LEU A 133 -3.77 5.28 9.39
CA LEU A 133 -4.92 5.22 8.47
C LEU A 133 -6.19 4.74 9.17
N HIS A 134 -6.07 3.66 9.93
CA HIS A 134 -7.20 3.09 10.63
C HIS A 134 -7.79 4.06 11.68
N SER A 135 -6.92 4.84 12.33
CA SER A 135 -7.36 5.96 13.18
C SER A 135 -8.24 6.97 12.46
N LYS A 136 -7.96 7.16 11.17
CA LYS A 136 -8.73 8.06 10.32
C LYS A 136 -9.87 7.34 9.62
N ARG A 137 -10.12 6.08 9.97
CA ARG A 137 -11.12 5.23 9.34
C ARG A 137 -10.91 5.11 7.82
N ILE A 138 -9.65 5.05 7.41
CA ILE A 138 -9.29 4.82 6.02
C ILE A 138 -8.77 3.41 5.93
N ILE A 139 -9.33 2.64 5.01
CA ILE A 139 -8.88 1.28 4.75
C ILE A 139 -8.21 1.30 3.38
N HIS A 140 -6.99 0.78 3.32
CA HIS A 140 -6.24 0.79 2.08
C HIS A 140 -6.83 -0.19 1.08
N ARG A 141 -7.03 -1.43 1.53
CA ARG A 141 -7.67 -2.49 0.74
C ARG A 141 -6.85 -3.03 -0.44
N ASP A 142 -5.62 -2.55 -0.66
CA ASP A 142 -4.80 -3.01 -1.78
C ASP A 142 -3.32 -3.08 -1.42
N LEU A 143 -3.01 -3.55 -0.21
CA LEU A 143 -1.62 -3.73 0.20
C LEU A 143 -0.98 -4.89 -0.55
N LYS A 144 0.27 -4.68 -0.95
CA LYS A 144 1.10 -5.62 -1.67
C LYS A 144 2.47 -4.95 -1.82
N ALA A 145 3.51 -5.73 -2.12
CA ALA A 145 4.87 -5.16 -2.18
C ALA A 145 4.98 -4.07 -3.25
N GLY A 146 4.20 -4.20 -4.32
CA GLY A 146 4.15 -3.21 -5.38
C GLY A 146 3.61 -1.85 -4.98
N ASN A 147 2.90 -1.79 -3.85
CA ASN A 147 2.40 -0.52 -3.29
C ASN A 147 3.18 -0.04 -2.06
N VAL A 148 4.34 -0.65 -1.80
CA VAL A 148 5.28 -0.19 -0.79
C VAL A 148 6.47 0.38 -1.52
N LEU A 149 6.59 1.71 -1.46
CA LEU A 149 7.60 2.44 -2.19
C LEU A 149 8.72 2.83 -1.25
N MET A 150 9.94 2.97 -1.79
CA MET A 150 11.11 3.24 -0.98
C MET A 150 11.73 4.59 -1.24
N THR A 151 12.22 5.19 -0.15
CA THR A 151 13.09 6.36 -0.25
C THR A 151 14.56 5.95 -0.10
N LEU A 152 15.46 6.82 -0.57
CA LEU A 152 16.92 6.56 -0.51
C LEU A 152 17.42 6.44 0.92
N GLU A 153 16.69 7.06 1.84
CA GLU A 153 16.93 6.93 3.26
C GLU A 153 16.56 5.59 3.86
N GLY A 154 15.79 4.76 3.15
CA GLY A 154 15.39 3.47 3.68
C GLY A 154 14.07 3.51 4.46
N ASP A 155 13.22 4.48 4.14
CA ASP A 155 11.85 4.48 4.64
C ASP A 155 10.89 4.06 3.54
N ILE A 156 9.81 3.40 3.95
CA ILE A 156 8.73 3.12 3.06
C ILE A 156 7.80 4.33 2.88
N ARG A 157 7.03 4.25 1.81
CA ARG A 157 5.81 5.03 1.66
C ARG A 157 4.73 4.10 1.11
N LEU A 158 3.65 3.90 1.85
CA LEU A 158 2.46 3.25 1.31
C LEU A 158 1.84 4.10 0.19
N ALA A 159 1.55 3.46 -0.93
CA ALA A 159 1.02 4.14 -2.12
C ALA A 159 -0.23 3.45 -2.66
N ASP A 160 -0.77 4.10 -3.69
CA ASP A 160 -1.93 3.65 -4.46
C ASP A 160 -3.23 3.50 -3.68
N PHE A 161 -3.87 4.64 -3.43
CA PHE A 161 -5.17 4.67 -2.74
C PHE A 161 -6.35 4.64 -3.71
N GLY A 162 -6.13 4.13 -4.91
CA GLY A 162 -7.21 3.98 -5.90
C GLY A 162 -8.31 3.05 -5.43
N VAL A 163 -7.95 1.84 -5.00
CA VAL A 163 -8.95 0.90 -4.50
C VAL A 163 -9.64 1.46 -3.26
N SER A 164 -8.83 2.01 -2.35
CA SER A 164 -9.33 2.72 -1.16
C SER A 164 -10.40 3.76 -1.51
N ALA A 165 -10.09 4.58 -2.51
CA ALA A 165 -10.97 5.69 -2.94
C ALA A 165 -12.23 5.22 -3.65
N LYS A 166 -12.10 4.21 -4.51
CA LYS A 166 -13.25 3.65 -5.20
C LYS A 166 -14.21 3.01 -4.20
N ASN A 167 -13.65 2.36 -3.18
CA ASN A 167 -14.46 1.81 -2.10
C ASN A 167 -15.13 2.88 -1.24
N LEU A 168 -14.42 3.97 -0.96
CA LEU A 168 -14.94 5.04 -0.10
C LEU A 168 -16.04 5.84 -0.80
N LYS A 169 -15.86 6.08 -2.10
CA LYS A 169 -16.86 6.76 -2.93
C LYS A 169 -18.19 6.02 -2.85
N THR A 170 -18.13 4.69 -2.87
CA THR A 170 -19.32 3.84 -2.73
C THR A 170 -19.98 4.02 -1.37
N LEU A 171 -19.22 3.88 -0.29
CA LEU A 171 -19.76 3.99 1.08
C LEU A 171 -20.32 5.37 1.37
N GLN A 172 -19.61 6.42 0.92
CA GLN A 172 -20.12 7.79 0.98
C GLN A 172 -21.44 7.94 0.22
N LYS A 173 -21.56 7.25 -0.91
CA LYS A 173 -22.81 7.21 -1.67
C LYS A 173 -23.78 6.24 -1.00
CA ILE A 178 -29.29 -2.90 1.47
C ILE A 178 -30.33 -3.91 1.94
N GLY A 179 -31.52 -3.41 2.29
CA GLY A 179 -32.63 -4.24 2.75
C GLY A 179 -33.21 -3.68 4.04
N THR A 180 -34.20 -4.38 4.61
CA THR A 180 -34.74 -4.04 5.94
C THR A 180 -34.30 -5.17 6.89
N PRO A 181 -33.76 -4.79 8.08
CA PRO A 181 -32.93 -5.71 8.84
C PRO A 181 -33.64 -7.00 9.23
N TYR A 182 -34.90 -6.93 9.67
CA TYR A 182 -35.60 -8.14 10.13
C TYR A 182 -35.59 -9.24 9.07
N TRP A 183 -35.62 -8.88 7.79
CA TRP A 183 -35.74 -9.85 6.70
C TRP A 183 -34.40 -10.20 6.02
N MET A 184 -33.32 -9.59 6.50
CA MET A 184 -32.00 -9.68 5.87
C MET A 184 -31.36 -11.07 6.12
N ALA A 185 -30.82 -11.65 5.06
CA ALA A 185 -30.15 -12.94 5.14
C ALA A 185 -28.86 -12.78 5.97
N PRO A 186 -28.46 -13.84 6.70
CA PRO A 186 -27.26 -13.84 7.54
C PRO A 186 -25.99 -13.40 6.82
N GLU A 187 -25.79 -13.89 5.60
CA GLU A 187 -24.61 -13.53 4.80
C GLU A 187 -24.63 -12.05 4.37
N VAL A 188 -25.82 -11.47 4.24
CA VAL A 188 -25.94 -10.06 3.89
C VAL A 188 -25.61 -9.19 5.12
N VAL A 189 -26.14 -9.60 6.28
CA VAL A 189 -25.82 -8.96 7.56
C VAL A 189 -24.31 -8.93 7.78
N MET A 190 -23.65 -10.07 7.56
CA MET A 190 -22.21 -10.20 7.78
C MET A 190 -21.38 -9.32 6.84
N CYS A 191 -21.78 -9.23 5.59
CA CYS A 191 -21.02 -8.44 4.60
C CYS A 191 -21.29 -6.96 4.68
N GLU A 192 -22.45 -6.58 5.19
CA GLU A 192 -22.70 -5.18 5.52
C GLU A 192 -21.97 -4.84 6.82
N THR A 193 -21.99 -5.74 7.79
CA THR A 193 -21.21 -5.56 9.04
C THR A 193 -19.68 -5.52 8.82
N MET A 194 -19.19 -6.14 7.75
CA MET A 194 -17.76 -6.06 7.39
C MET A 194 -17.40 -4.71 6.75
N LYS A 195 -18.42 -3.95 6.31
CA LYS A 195 -18.21 -2.63 5.71
C LYS A 195 -17.92 -1.53 6.74
N ASP A 196 -18.02 -1.85 8.03
CA ASP A 196 -17.90 -0.86 9.09
C ASP A 196 -16.91 -1.29 10.17
N THR A 197 -16.62 -0.37 11.08
CA THR A 197 -15.76 -0.62 12.24
C THR A 197 -16.42 -1.65 13.19
N PRO A 198 -15.61 -2.51 13.86
CA PRO A 198 -14.15 -2.71 13.80
C PRO A 198 -13.66 -3.77 12.80
N TYR A 199 -14.51 -4.15 11.84
CA TYR A 199 -14.19 -5.26 10.94
C TYR A 199 -13.51 -4.82 9.64
N ASP A 200 -13.98 -3.71 9.09
CA ASP A 200 -13.46 -3.22 7.81
C ASP A 200 -11.93 -3.14 7.76
N TYR A 201 -11.33 -2.55 8.79
CA TYR A 201 -9.89 -2.35 8.81
C TYR A 201 -9.08 -3.64 8.95
N LYS A 202 -9.70 -4.71 9.45
CA LYS A 202 -8.99 -5.99 9.60
C LYS A 202 -8.43 -6.53 8.29
N ALA A 203 -9.13 -6.30 7.18
CA ALA A 203 -8.69 -6.73 5.86
C ALA A 203 -7.22 -6.35 5.60
N ASP A 204 -6.82 -5.15 6.02
CA ASP A 204 -5.46 -4.63 5.77
C ASP A 204 -4.42 -5.42 6.56
N ILE A 205 -4.83 -5.99 7.69
CA ILE A 205 -3.92 -6.76 8.52
C ILE A 205 -3.60 -8.10 7.85
N TRP A 206 -4.63 -8.73 7.27
CA TRP A 206 -4.42 -9.94 6.48
C TRP A 206 -3.49 -9.64 5.30
N SER A 207 -3.80 -8.59 4.55
CA SER A 207 -3.01 -8.24 3.37
C SER A 207 -1.56 -7.91 3.72
N LEU A 208 -1.33 -7.28 4.88
CA LEU A 208 0.03 -7.10 5.42
C LEU A 208 0.77 -8.42 5.56
N GLY A 209 0.13 -9.41 6.18
CA GLY A 209 0.75 -10.73 6.33
C GLY A 209 1.16 -11.35 5.01
N ILE A 210 0.25 -11.33 4.03
CA ILE A 210 0.56 -11.82 2.69
C ILE A 210 1.72 -11.05 2.06
N THR A 211 1.69 -9.72 2.17
CA THR A 211 2.78 -8.87 1.70
C THR A 211 4.16 -9.27 2.28
N LEU A 212 4.20 -9.58 3.59
CA LEU A 212 5.41 -10.04 4.24
C LEU A 212 5.88 -11.36 3.67
N ILE A 213 4.95 -12.27 3.37
CA ILE A 213 5.32 -13.52 2.68
C ILE A 213 5.87 -13.24 1.27
N GLU A 214 5.18 -12.35 0.54
CA GLU A 214 5.63 -11.94 -0.78
C GLU A 214 7.06 -11.42 -0.72
N MET A 215 7.39 -10.66 0.34
CA MET A 215 8.72 -10.08 0.49
C MET A 215 9.77 -11.12 0.86
N ALA A 216 9.34 -12.13 1.64
CA ALA A 216 10.21 -13.23 2.00
C ALA A 216 10.49 -14.18 0.82
N GLN A 217 9.49 -14.37 -0.06
CA GLN A 217 9.50 -15.42 -1.07
C GLN A 217 9.39 -14.91 -2.51
N ILE A 218 9.45 -13.59 -2.67
CA ILE A 218 9.25 -12.87 -3.95
C ILE A 218 7.79 -12.88 -4.50
N GLU A 219 7.15 -14.04 -4.47
CA GLU A 219 5.78 -14.23 -4.93
C GLU A 219 4.85 -14.44 -3.73
N PRO A 220 3.60 -13.95 -3.81
CA PRO A 220 2.62 -14.27 -2.76
C PRO A 220 2.18 -15.74 -2.80
N PRO A 221 1.52 -16.23 -1.73
CA PRO A 221 0.95 -17.58 -1.81
C PRO A 221 -0.02 -17.71 -2.98
N HIS A 222 -0.09 -18.90 -3.56
CA HIS A 222 -1.03 -19.24 -4.65
C HIS A 222 -0.71 -18.55 -5.97
N HIS A 223 0.51 -18.04 -6.11
CA HIS A 223 0.95 -17.36 -7.34
C HIS A 223 0.86 -18.24 -8.58
N GLU A 224 0.95 -19.55 -8.41
CA GLU A 224 0.86 -20.50 -9.53
C GLU A 224 -0.55 -20.65 -10.14
N LEU A 225 -1.58 -20.31 -9.35
CA LEU A 225 -2.98 -20.44 -9.76
C LEU A 225 -3.49 -19.17 -10.45
N ASN A 226 -4.42 -19.31 -11.39
CA ASN A 226 -5.03 -18.14 -12.01
C ASN A 226 -5.93 -17.40 -11.02
N PRO A 227 -6.16 -16.08 -11.23
CA PRO A 227 -6.85 -15.22 -10.26
C PRO A 227 -8.19 -15.72 -9.71
N MET A 228 -8.98 -16.40 -10.53
CA MET A 228 -10.30 -16.86 -10.10
C MET A 228 -10.20 -18.08 -9.19
N ARG A 229 -9.24 -18.96 -9.50
CA ARG A 229 -8.92 -20.09 -8.63
C ARG A 229 -8.29 -19.64 -7.31
N VAL A 230 -7.53 -18.56 -7.37
CA VAL A 230 -6.90 -18.00 -6.18
C VAL A 230 -7.95 -17.59 -5.14
N LEU A 231 -9.06 -17.00 -5.60
CA LEU A 231 -10.13 -16.59 -4.70
C LEU A 231 -10.74 -17.78 -3.94
N LEU A 232 -11.06 -18.87 -4.66
CA LEU A 232 -11.56 -20.09 -4.02
C LEU A 232 -10.55 -20.63 -3.01
N LYS A 233 -9.29 -20.57 -3.37
CA LYS A 233 -8.21 -21.08 -2.54
C LYS A 233 -8.09 -20.29 -1.23
N ILE A 234 -8.18 -18.96 -1.30
CA ILE A 234 -8.11 -18.13 -0.11
C ILE A 234 -9.27 -18.42 0.86
N ALA A 235 -10.49 -18.48 0.33
CA ALA A 235 -11.68 -18.78 1.13
C ALA A 235 -11.64 -20.14 1.84
N LYS A 236 -11.22 -21.17 1.13
CA LYS A 236 -11.29 -22.55 1.64
C LYS A 236 -10.02 -23.08 2.31
N SER A 237 -8.84 -22.56 1.94
CA SER A 237 -7.56 -23.06 2.48
C SER A 237 -7.28 -22.53 3.88
N ASP A 238 -6.50 -23.28 4.66
CA ASP A 238 -5.93 -22.77 5.90
C ASP A 238 -5.04 -21.56 5.57
N PRO A 239 -4.81 -20.70 6.56
CA PRO A 239 -3.94 -19.55 6.28
C PRO A 239 -2.55 -19.95 5.75
N PRO A 240 -1.97 -19.12 4.85
CA PRO A 240 -0.63 -19.40 4.30
C PRO A 240 0.47 -19.33 5.36
N THR A 241 1.48 -20.19 5.23
CA THR A 241 2.69 -20.15 6.06
C THR A 241 3.93 -20.04 5.19
N LEU A 242 5.07 -19.71 5.80
CA LEU A 242 6.33 -19.59 5.08
C LEU A 242 6.77 -20.95 4.52
N LEU A 243 7.26 -20.96 3.29
CA LEU A 243 7.65 -22.19 2.61
C LEU A 243 8.76 -22.94 3.32
N THR A 244 9.79 -22.21 3.80
CA THR A 244 10.93 -22.83 4.48
C THR A 244 11.07 -22.28 5.90
N PRO A 245 10.19 -22.72 6.82
CA PRO A 245 10.13 -22.15 8.16
C PRO A 245 11.47 -22.00 8.88
N SER A 246 12.38 -22.95 8.64
CA SER A 246 13.66 -22.98 9.33
C SER A 246 14.60 -21.83 8.99
N LYS A 247 14.31 -21.12 7.89
CA LYS A 247 15.05 -19.90 7.51
C LYS A 247 14.68 -18.69 8.36
N TRP A 248 13.55 -18.76 9.05
CA TRP A 248 12.94 -17.59 9.65
C TRP A 248 12.78 -17.76 11.14
N SER A 249 12.74 -16.65 11.85
CA SER A 249 12.63 -16.68 13.29
C SER A 249 11.25 -17.16 13.68
N VAL A 250 11.18 -17.74 14.88
CA VAL A 250 9.93 -18.09 15.49
C VAL A 250 9.04 -16.85 15.57
N GLU A 251 9.65 -15.70 15.84
CA GLU A 251 8.91 -14.43 15.94
C GLU A 251 8.16 -14.08 14.67
N PHE A 252 8.82 -14.25 13.51
CA PHE A 252 8.24 -13.98 12.17
C PHE A 252 7.10 -14.95 11.93
N ARG A 253 7.32 -16.23 12.21
CA ARG A 253 6.30 -17.24 11.98
C ARG A 253 5.10 -17.06 12.92
N ASP A 254 5.36 -16.67 14.16
CA ASP A 254 4.28 -16.33 15.09
C ASP A 254 3.50 -15.09 14.65
N PHE A 255 4.21 -14.06 14.19
CA PHE A 255 3.58 -12.83 13.69
C PHE A 255 2.59 -13.16 12.57
N LEU A 256 3.04 -13.94 11.59
CA LEU A 256 2.20 -14.39 10.49
C LEU A 256 1.02 -15.21 10.98
N LYS A 257 1.27 -16.08 11.96
CA LYS A 257 0.25 -16.95 12.55
C LYS A 257 -0.95 -16.16 13.08
N ILE A 258 -0.70 -15.03 13.74
CA ILE A 258 -1.81 -14.25 14.31
C ILE A 258 -2.37 -13.20 13.36
N ALA A 259 -1.55 -12.70 12.44
CA ALA A 259 -2.01 -11.73 11.46
C ALA A 259 -2.87 -12.43 10.41
N LEU A 260 -2.46 -13.64 10.01
CA LEU A 260 -3.20 -14.43 9.02
C LEU A 260 -4.24 -15.30 9.72
N ASP A 261 -5.10 -14.62 10.47
CA ASP A 261 -6.25 -15.21 11.15
C ASP A 261 -7.39 -15.11 10.17
N LYS A 262 -8.01 -16.22 9.79
CA LYS A 262 -9.13 -16.17 8.86
C LYS A 262 -10.37 -15.47 9.43
N ASN A 263 -10.46 -15.42 10.77
CA ASN A 263 -11.57 -14.76 11.46
C ASN A 263 -11.24 -13.29 11.75
N PRO A 264 -11.91 -12.35 11.04
CA PRO A 264 -11.62 -10.95 11.30
C PRO A 264 -11.95 -10.49 12.72
N GLU A 265 -12.88 -11.17 13.40
CA GLU A 265 -13.20 -10.82 14.78
C GLU A 265 -11.98 -10.94 15.69
N THR A 266 -11.22 -12.02 15.50
CA THR A 266 -10.10 -12.32 16.38
C THR A 266 -8.74 -11.89 15.81
N ARG A 267 -8.72 -11.36 14.59
CA ARG A 267 -7.49 -10.83 13.98
C ARG A 267 -7.06 -9.55 14.70
N PRO A 268 -5.77 -9.43 15.04
CA PRO A 268 -5.36 -8.26 15.80
C PRO A 268 -5.35 -6.98 14.97
N SER A 269 -5.41 -5.84 15.65
CA SER A 269 -5.28 -4.55 15.00
C SER A 269 -3.79 -4.27 14.76
N ALA A 270 -3.50 -3.22 14.00
CA ALA A 270 -2.12 -2.77 13.81
C ALA A 270 -1.51 -2.34 15.15
N ALA A 271 -2.29 -1.63 15.96
CA ALA A 271 -1.86 -1.20 17.29
C ALA A 271 -1.42 -2.37 18.17
N GLN A 272 -2.20 -3.45 18.18
CA GLN A 272 -1.82 -4.67 18.89
C GLN A 272 -0.55 -5.30 18.31
N LEU A 273 -0.44 -5.32 16.98
CA LEU A 273 0.70 -5.95 16.33
C LEU A 273 2.01 -5.15 16.51
N LEU A 274 1.89 -3.85 16.76
CA LEU A 274 3.07 -3.02 17.06
C LEU A 274 3.77 -3.44 18.37
N GLU A 275 3.06 -4.17 19.23
CA GLU A 275 3.63 -4.74 20.45
C GLU A 275 4.14 -6.19 20.28
N HIS A 276 4.07 -6.74 19.06
CA HIS A 276 4.59 -8.10 18.82
C HIS A 276 6.10 -8.05 18.75
N PRO A 277 6.80 -9.04 19.35
CA PRO A 277 8.28 -9.01 19.35
C PRO A 277 8.98 -9.11 17.98
N PHE A 278 8.25 -9.39 16.90
CA PHE A 278 8.82 -9.35 15.57
C PHE A 278 9.15 -7.91 15.17
N VAL A 279 8.41 -6.95 15.72
CA VAL A 279 8.60 -5.53 15.43
C VAL A 279 8.81 -4.59 16.64
N SER A 280 8.46 -5.03 17.84
CA SER A 280 8.47 -4.13 19.01
C SER A 280 9.83 -3.52 19.39
N SER A 281 10.92 -4.15 18.95
CA SER A 281 12.28 -3.69 19.24
C SER A 281 12.98 -3.03 18.05
N ILE A 282 12.25 -2.83 16.95
CA ILE A 282 12.81 -2.26 15.73
C ILE A 282 12.80 -0.74 15.88
N THR A 283 13.99 -0.18 16.05
CA THR A 283 14.16 1.25 16.22
C THR A 283 15.08 1.90 15.18
N SER A 284 15.56 1.12 14.21
CA SER A 284 16.43 1.63 13.14
C SER A 284 15.96 1.13 11.78
N ASN A 285 16.08 1.99 10.77
CA ASN A 285 15.77 1.65 9.38
C ASN A 285 16.99 1.18 8.57
N LYS A 286 18.13 0.99 9.23
CA LYS A 286 19.41 0.70 8.58
C LYS A 286 19.38 -0.45 7.58
N ALA A 287 18.69 -1.56 7.90
CA ALA A 287 18.60 -2.69 6.98
C ALA A 287 17.95 -2.29 5.65
N LEU A 288 16.97 -1.39 5.72
CA LEU A 288 16.26 -0.95 4.53
C LEU A 288 17.06 0.07 3.74
N ARG A 289 17.79 0.94 4.44
CA ARG A 289 18.67 1.88 3.79
C ARG A 289 19.74 1.10 3.01
N GLU A 290 20.27 0.03 3.61
CA GLU A 290 21.23 -0.86 2.93
C GLU A 290 20.63 -1.53 1.67
N LEU A 291 19.40 -2.02 1.78
CA LEU A 291 18.69 -2.62 0.66
C LEU A 291 18.58 -1.66 -0.51
N VAL A 292 18.15 -0.43 -0.23
CA VAL A 292 17.96 0.56 -1.27
C VAL A 292 19.29 0.92 -1.95
N ALA A 293 20.34 1.08 -1.15
CA ALA A 293 21.70 1.27 -1.70
C ALA A 293 22.13 0.12 -2.60
N GLU A 294 21.90 -1.11 -2.17
CA GLU A 294 22.26 -2.28 -2.98
C GLU A 294 21.48 -2.29 -4.32
N ALA A 295 20.18 -2.00 -4.26
CA ALA A 295 19.32 -1.92 -5.47
C ALA A 295 19.76 -0.85 -6.47
N LYS A 296 20.03 0.34 -5.96
CA LYS A 296 20.63 1.42 -6.74
C LYS A 296 21.91 0.98 -7.45
N ALA A 297 22.85 0.40 -6.70
CA ALA A 297 24.10 -0.10 -7.26
C ALA A 297 23.87 -1.19 -8.32
N GLU A 298 22.91 -2.09 -8.06
CA GLU A 298 22.54 -3.14 -9.00
C GLU A 298 21.99 -2.54 -10.31
N VAL A 299 21.12 -1.55 -10.19
CA VAL A 299 20.51 -0.86 -11.34
C VAL A 299 21.57 -0.20 -12.23
N MET A 300 22.66 0.23 -11.62
CA MET A 300 23.72 0.89 -12.34
C MET A 300 24.51 -0.05 -13.25
N GLU A 301 24.45 -1.37 -13.01
CA GLU A 301 25.21 -2.34 -13.83
C GLU A 301 24.87 -2.29 -15.30
N GLU A 302 25.88 -2.04 -16.12
CA GLU A 302 25.81 -2.23 -17.57
C GLU A 302 27.22 -2.57 -18.03
CA CA B . 6.24 13.43 4.21
CA CA C . 2.36 0.91 -8.68
CA CA D . 26.81 -6.28 -8.67
CA CA E . 23.89 -8.29 -10.74
CA CA F . 4.37 -12.44 -10.11
CA CA G . 13.73 -11.44 15.56
CA CA H . 19.23 -7.25 -12.26
C ACT I . 21.05 1.81 -16.39
O ACT I . 21.41 2.48 -17.39
OXT ACT I . 21.84 0.92 -16.03
CH3 ACT I . 19.74 2.06 -15.69
C22 274 J . 9.63 2.03 -9.73
O4 274 J . 9.66 1.04 -9.01
C19 274 J . 8.96 3.33 -9.25
C18 274 J . 7.60 3.51 -9.06
C21 274 J . 6.53 2.43 -9.27
C20 274 J . 9.58 4.55 -8.93
C23 274 J . 10.96 4.75 -9.01
N3 274 J . 8.62 5.39 -8.56
C17 274 J . 7.41 4.82 -8.62
C16 274 J . 6.12 5.29 -8.32
C14 274 J . 5.83 6.37 -7.49
C12 274 J . 4.56 6.65 -6.99
C9 274 J . 3.32 6.05 -7.13
C15 274 J . 6.66 7.36 -6.99
O3 274 J . 7.87 7.49 -7.19
N2 274 J . 5.97 8.19 -6.24
C13 274 J . 4.70 7.79 -6.20
C11 274 J . 3.59 8.32 -5.55
C10 274 J . 2.35 7.72 -5.68
C8 274 J . 2.21 6.58 -6.47
S1 274 J . 0.62 5.84 -6.65
O1 274 J . 0.77 4.36 -6.82
O2 274 J . -0.21 6.16 -5.46
N1 274 J . -0.02 6.39 -8.13
C7 274 J . -0.17 5.43 -9.24
C3 274 J . -0.38 7.67 -8.36
C1 274 J . -1.70 8.04 -8.16
C2 274 J . -2.10 9.34 -8.39
CL1 274 J . -3.75 9.74 -8.10
C4 274 J . -1.19 10.31 -8.83
C5 274 J . 0.14 9.94 -9.04
C6 274 J . 0.54 8.62 -8.82
C24 274 J . 10.67 0.72 -11.54
C24 274 J . 10.92 0.72 -11.35
C27 274 J . 11.89 1.05 -12.42
C27 274 J . 10.42 0.35 -12.75
N5 274 J . 11.58 2.13 -13.37
N5 274 J . 10.59 1.49 -13.68
C28 274 J . 12.78 2.38 -14.18
C28 274 J . 10.10 1.09 -15.00
C26 274 J . 11.29 3.35 -12.59
C26 274 J . 9.82 2.66 -13.21
C25 274 J . 9.97 3.16 -11.86
C25 274 J . 10.31 3.13 -11.84
N4 274 J . 10.06 1.96 -10.99
N4 274 J . 10.27 1.97 -10.91
#